data_9MT3
#
_entry.id   9MT3
#
_cell.length_a   81.337
_cell.length_b   108.946
_cell.length_c   50.735
_cell.angle_alpha   90.000
_cell.angle_beta   90.000
_cell.angle_gamma   90.000
#
_symmetry.space_group_name_H-M   'C 2 2 21'
#
loop_
_entity.id
_entity.type
_entity.pdbx_description
1 polymer 'Heat shock protein 90 homolog'
2 non-polymer 5-[(2R)-butan-2-ylamino]-N-{(3-endo)-8-[5-(cyclopropylcarbonyl)pyridin-2-yl]-8-azabicyclo[3.2.1]oct-3-yl}-2-methylbenzene-1,4-dicarboxamide
3 water water
#
_entity_poly.entity_id   1
_entity_poly.type   'polypeptide(L)'
_entity_poly.pdbx_seq_one_letter_code
;MADAKVETHEFTAEISQLMSLIINTVYSNKEIFLRELISNASDALDKIRYQALSDPSQLESEPELFIRIIPQKDQKVLEI
RDSGIGMTKADLVNNLGTIAKSGTKSFMEALSAGADVSMIGQFGVGFYSLFLVADHVQVISKHNDDEQYVWESNAGGKFT
VTLDETNERLGRGTMLRLFLKEDQLEYLEEKRIKEVVKKHSEFVAYPIQLVVTKEVEKNLYFQSGSHHHHHH
;
_entity_poly.pdbx_strand_id   A
#
# COMPACT_ATOMS: atom_id res chain seq x y z
N LYS A 5 17.26 -6.08 -13.92
CA LYS A 5 17.01 -7.53 -13.92
C LYS A 5 15.94 -7.93 -12.90
N VAL A 6 14.95 -8.71 -13.34
CA VAL A 6 13.81 -9.07 -12.52
C VAL A 6 14.18 -10.29 -11.69
N GLU A 7 13.67 -10.33 -10.46
CA GLU A 7 13.72 -11.50 -9.58
C GLU A 7 12.28 -11.96 -9.34
N THR A 8 12.01 -13.25 -9.54
CA THR A 8 10.69 -13.82 -9.27
C THR A 8 10.72 -14.64 -7.98
N HIS A 9 9.67 -14.52 -7.20
CA HIS A 9 9.54 -15.26 -5.96
C HIS A 9 8.09 -15.72 -5.83
N GLU A 10 7.90 -16.81 -5.07
CA GLU A 10 6.56 -17.33 -4.79
C GLU A 10 6.05 -16.84 -3.44
N PHE A 11 4.79 -16.47 -3.41
CA PHE A 11 4.16 -16.24 -2.11
C PHE A 11 4.19 -17.53 -1.30
N THR A 12 4.31 -17.40 0.02
CA THR A 12 3.93 -18.49 0.91
C THR A 12 2.56 -18.99 0.48
N ALA A 13 2.20 -20.21 0.89
CA ALA A 13 0.92 -20.78 0.48
C ALA A 13 -0.25 -20.03 1.11
N GLU A 14 -0.10 -19.60 2.36
CA GLU A 14 -1.20 -18.94 3.04
C GLU A 14 -1.46 -17.54 2.47
N ILE A 15 -0.41 -16.86 2.00
CA ILE A 15 -0.60 -15.54 1.38
C ILE A 15 -1.32 -15.70 0.04
N SER A 16 -0.90 -16.66 -0.79
CA SER A 16 -1.64 -16.92 -2.03
C SER A 16 -3.09 -17.27 -1.73
N GLN A 17 -3.32 -17.94 -0.61
CA GLN A 17 -4.68 -18.33 -0.26
C GLN A 17 -5.47 -17.12 0.23
N LEU A 18 -4.82 -16.22 1.00
CA LEU A 18 -5.47 -14.99 1.42
C LEU A 18 -5.82 -14.10 0.23
N MET A 19 -4.84 -13.83 -0.62
CA MET A 19 -5.11 -13.11 -1.86
C MET A 19 -6.32 -13.67 -2.59
N SER A 20 -6.33 -14.97 -2.85
CA SER A 20 -7.43 -15.53 -3.62
C SER A 20 -8.76 -15.30 -2.91
N LEU A 21 -8.74 -15.34 -1.59
CA LEU A 21 -9.95 -15.09 -0.82
C LEU A 21 -10.39 -13.63 -0.96
N ILE A 22 -9.48 -12.69 -0.70
CA ILE A 22 -9.86 -11.28 -0.75
C ILE A 22 -10.28 -10.90 -2.17
N ILE A 23 -9.54 -11.37 -3.18
CA ILE A 23 -9.84 -10.88 -4.51
C ILE A 23 -11.20 -11.37 -4.99
N ASN A 24 -11.74 -12.44 -4.40
CA ASN A 24 -13.02 -13.01 -4.83
C ASN A 24 -14.17 -12.79 -3.83
N THR A 25 -13.93 -12.21 -2.68
CA THR A 25 -15.00 -12.05 -1.70
C THR A 25 -15.99 -10.96 -2.12
N VAL A 26 -17.19 -11.02 -1.54
CA VAL A 26 -18.31 -10.16 -1.91
C VAL A 26 -18.62 -9.10 -0.85
N TYR A 27 -17.69 -8.89 0.08
CA TYR A 27 -17.82 -7.85 1.11
C TYR A 27 -18.47 -6.57 0.60
N SER A 28 -19.38 -6.02 1.40
CA SER A 28 -20.18 -4.86 0.99
C SER A 28 -19.62 -3.53 1.50
N ASN A 29 -18.40 -3.51 2.05
CA ASN A 29 -17.79 -2.29 2.60
C ASN A 29 -16.33 -2.24 2.17
N LYS A 30 -16.11 -2.42 0.87
CA LYS A 30 -14.76 -2.53 0.33
C LYS A 30 -13.96 -1.25 0.47
N GLU A 31 -14.62 -0.12 0.80
CA GLU A 31 -13.93 1.17 0.93
C GLU A 31 -12.91 1.17 2.05
N ILE A 32 -12.99 0.21 2.99
CA ILE A 32 -12.00 0.14 4.06
C ILE A 32 -10.59 -0.16 3.57
N PHE A 33 -10.40 -0.58 2.30
CA PHE A 33 -9.03 -0.74 1.80
C PHE A 33 -8.24 0.56 1.98
N LEU A 34 -8.90 1.71 1.77
CA LEU A 34 -8.17 2.96 1.83
C LEU A 34 -7.73 3.29 3.25
N ARG A 35 -8.58 2.99 4.23
CA ARG A 35 -8.16 3.14 5.63
C ARG A 35 -6.94 2.25 5.94
N GLU A 36 -6.97 1.00 5.48
CA GLU A 36 -5.88 0.09 5.81
C GLU A 36 -4.56 0.55 5.19
N LEU A 37 -4.61 1.09 3.97
CA LEU A 37 -3.38 1.50 3.31
C LEU A 37 -2.85 2.81 3.88
N ILE A 38 -3.75 3.70 4.30
CA ILE A 38 -3.32 4.94 4.94
C ILE A 38 -2.75 4.67 6.34
N SER A 39 -3.25 3.64 7.01
CA SER A 39 -2.73 3.25 8.33
C SER A 39 -1.32 2.69 8.23
N ASN A 40 -1.06 1.90 7.20
CA ASN A 40 0.31 1.46 6.93
C ASN A 40 1.22 2.64 6.62
N ALA A 41 0.74 3.60 5.82
CA ALA A 41 1.54 4.78 5.55
C ALA A 41 1.82 5.55 6.82
N SER A 42 0.79 5.78 7.63
CA SER A 42 0.96 6.46 8.90
C SER A 42 1.99 5.76 9.76
N ASP A 43 1.89 4.44 9.86
CA ASP A 43 2.84 3.71 10.67
C ASP A 43 4.25 3.90 10.12
N ALA A 44 4.41 3.88 8.78
CA ALA A 44 5.75 4.02 8.19
C ALA A 44 6.32 5.41 8.45
N LEU A 45 5.48 6.43 8.44
CA LEU A 45 5.90 7.77 8.80
C LEU A 45 6.26 7.87 10.28
N ASP A 46 5.47 7.25 11.17
CA ASP A 46 5.86 7.24 12.57
C ASP A 46 7.26 6.66 12.73
N LYS A 47 7.56 5.58 12.00
CA LYS A 47 8.81 4.87 12.25
C LYS A 47 10.01 5.72 11.87
N ILE A 48 9.90 6.50 10.77
CA ILE A 48 11.04 7.34 10.38
C ILE A 48 11.13 8.53 11.33
N ARG A 49 9.99 9.08 11.72
CA ARG A 49 10.00 10.22 12.61
C ARG A 49 10.65 9.86 13.94
N TYR A 50 10.41 8.64 14.44
CA TYR A 50 10.95 8.28 15.74
C TYR A 50 12.43 7.85 15.67
N GLN A 51 12.83 7.15 14.60
CA GLN A 51 14.26 6.96 14.37
C GLN A 51 15.01 8.28 14.29
N ALA A 52 14.36 9.32 13.77
CA ALA A 52 15.01 10.59 13.62
C ALA A 52 15.14 11.35 14.94
N LEU A 53 14.48 10.89 16.01
CA LEU A 53 14.71 11.49 17.33
C LEU A 53 16.13 11.19 17.81
N SER A 54 16.61 9.97 17.57
CA SER A 54 18.00 9.61 17.81
C SER A 54 18.95 10.21 16.79
N ASP A 55 18.50 10.34 15.53
CA ASP A 55 19.39 10.51 14.39
C ASP A 55 18.72 11.33 13.31
N PRO A 56 18.59 12.64 13.50
CA PRO A 56 17.81 13.47 12.57
C PRO A 56 18.32 13.46 11.12
N SER A 57 19.52 12.97 10.85
CA SER A 57 19.93 12.91 9.45
C SER A 57 19.16 11.84 8.70
N GLN A 58 18.35 11.04 9.38
CA GLN A 58 17.58 10.02 8.69
C GLN A 58 16.47 10.65 7.85
N LEU A 59 16.03 11.86 8.20
CA LEU A 59 15.01 12.60 7.47
C LEU A 59 15.56 13.31 6.24
N GLU A 60 16.87 13.34 6.05
CA GLU A 60 17.45 14.14 4.97
C GLU A 60 17.14 13.57 3.60
N SER A 61 16.84 12.27 3.51
CA SER A 61 16.49 11.69 2.22
C SER A 61 15.17 12.24 1.67
N GLU A 62 14.33 12.84 2.49
CA GLU A 62 13.06 13.44 2.10
C GLU A 62 12.54 14.16 3.35
N PRO A 63 12.72 15.48 3.42
CA PRO A 63 12.46 16.19 4.68
C PRO A 63 11.00 16.33 5.01
N GLU A 64 10.09 16.04 4.08
CA GLU A 64 8.66 16.19 4.32
C GLU A 64 8.05 14.86 4.75
N LEU A 65 7.12 14.93 5.70
CA LEU A 65 6.37 13.77 6.14
C LEU A 65 4.95 13.93 5.64
N PHE A 66 4.55 13.17 4.62
CA PHE A 66 3.22 13.37 4.05
C PHE A 66 2.65 12.06 3.51
N ILE A 67 1.34 12.08 3.25
CA ILE A 67 0.62 11.01 2.55
C ILE A 67 -0.04 11.66 1.34
N ARG A 68 0.08 11.03 0.17
CA ARG A 68 -0.40 11.63 -1.08
C ARG A 68 -1.14 10.61 -1.93
N ILE A 69 -2.36 10.97 -2.32
CA ILE A 69 -3.24 10.11 -3.10
C ILE A 69 -3.35 10.70 -4.50
N ILE A 70 -3.07 9.88 -5.52
CA ILE A 70 -3.08 10.34 -6.90
C ILE A 70 -3.90 9.37 -7.76
N PRO A 71 -5.15 9.70 -8.03
CA PRO A 71 -5.88 8.94 -9.04
C PRO A 71 -5.35 9.26 -10.43
N GLN A 72 -5.19 8.23 -11.24
CA GLN A 72 -4.68 8.36 -12.60
C GLN A 72 -5.80 7.80 -13.50
N LYS A 73 -6.70 8.65 -13.95
CA LYS A 73 -7.92 8.13 -14.61
C LYS A 73 -7.59 7.43 -15.93
N ASP A 74 -6.69 8.02 -16.72
CA ASP A 74 -6.27 7.41 -17.97
C ASP A 74 -5.80 5.98 -17.75
N GLN A 75 -5.06 5.74 -16.67
CA GLN A 75 -4.53 4.40 -16.43
C GLN A 75 -5.42 3.50 -15.59
N LYS A 76 -6.52 4.02 -15.05
CA LYS A 76 -7.36 3.26 -14.11
C LYS A 76 -6.53 2.78 -12.91
N VAL A 77 -5.64 3.65 -12.45
CA VAL A 77 -4.74 3.36 -11.35
C VAL A 77 -4.97 4.36 -10.24
N LEU A 78 -5.08 3.87 -9.01
CA LEU A 78 -5.10 4.71 -7.82
C LEU A 78 -3.75 4.61 -7.11
N GLU A 79 -3.00 5.71 -7.04
CA GLU A 79 -1.72 5.68 -6.35
C GLU A 79 -1.82 6.24 -4.93
N ILE A 80 -1.06 5.64 -4.02
CA ILE A 80 -0.99 6.10 -2.63
C ILE A 80 0.49 6.16 -2.22
N ARG A 81 1.02 7.38 -2.04
CA ARG A 81 2.42 7.63 -1.80
CA ARG A 81 2.44 7.59 -1.78
C ARG A 81 2.62 8.12 -0.37
N ASP A 82 3.66 7.67 0.29
CA ASP A 82 4.03 8.21 1.59
C ASP A 82 5.54 8.40 1.62
N SER A 83 6.01 9.27 2.53
CA SER A 83 7.44 9.52 2.71
C SER A 83 7.92 8.93 4.02
N GLY A 84 7.37 7.77 4.38
CA GLY A 84 7.73 7.10 5.61
C GLY A 84 9.01 6.29 5.45
N ILE A 85 9.19 5.32 6.35
CA ILE A 85 10.47 4.61 6.44
C ILE A 85 10.81 3.88 5.15
N GLY A 86 9.83 3.40 4.42
CA GLY A 86 10.14 2.61 3.24
C GLY A 86 10.49 1.18 3.58
N MET A 87 10.74 0.42 2.54
CA MET A 87 10.98 -0.99 2.69
C MET A 87 12.28 -1.36 2.02
N THR A 88 13.08 -2.13 2.74
CA THR A 88 14.29 -2.65 2.16
C THR A 88 13.95 -3.76 1.19
N LYS A 89 14.89 -4.08 0.33
CA LYS A 89 14.71 -5.25 -0.52
C LYS A 89 14.41 -6.48 0.32
N ALA A 90 15.00 -6.58 1.52
CA ALA A 90 14.74 -7.73 2.37
C ALA A 90 13.30 -7.74 2.83
N ASP A 91 12.77 -6.58 3.23
CA ASP A 91 11.35 -6.48 3.53
CA ASP A 91 11.35 -6.48 3.53
C ASP A 91 10.53 -6.94 2.33
N LEU A 92 10.99 -6.66 1.12
CA LEU A 92 10.23 -6.89 -0.10
C LEU A 92 10.32 -8.34 -0.60
N VAL A 93 11.41 -9.05 -0.29
CA VAL A 93 11.52 -10.45 -0.71
C VAL A 93 10.97 -11.40 0.35
N ASN A 94 11.21 -11.17 1.64
CA ASN A 94 10.82 -12.10 2.68
C ASN A 94 9.63 -11.63 3.50
N ASN A 95 9.15 -10.41 3.24
CA ASN A 95 8.00 -9.86 3.94
C ASN A 95 8.46 -9.27 5.26
N LEU A 96 7.53 -8.79 6.09
CA LEU A 96 7.88 -8.07 7.30
C LEU A 96 7.83 -8.94 8.55
N GLY A 97 6.74 -9.67 8.76
CA GLY A 97 6.50 -10.45 9.97
C GLY A 97 7.70 -11.20 10.51
N SER A 102 2.53 -15.82 12.55
CA SER A 102 2.42 -15.34 11.18
C SER A 102 1.05 -14.72 10.95
N GLY A 103 1.04 -13.41 10.68
CA GLY A 103 -0.22 -12.68 10.58
C GLY A 103 -1.19 -13.24 9.56
N THR A 104 -0.68 -13.78 8.45
CA THR A 104 -1.55 -14.27 7.40
C THR A 104 -2.37 -15.48 7.84
N LYS A 105 -1.71 -16.51 8.39
CA LYS A 105 -2.46 -17.67 8.90
C LYS A 105 -3.42 -17.24 10.00
N SER A 106 -2.97 -16.38 10.91
CA SER A 106 -3.81 -15.95 12.03
C SER A 106 -5.04 -15.18 11.57
N PHE A 107 -5.03 -14.63 10.34
CA PHE A 107 -6.20 -13.89 9.86
C PHE A 107 -7.16 -14.77 9.08
N MET A 108 -6.67 -15.76 8.33
CA MET A 108 -7.58 -16.70 7.68
C MET A 108 -8.30 -17.56 8.71
N GLU A 109 -7.57 -18.02 9.73
CA GLU A 109 -8.20 -18.63 10.89
C GLU A 109 -9.29 -17.72 11.44
N ALA A 110 -8.97 -16.45 11.65
CA ALA A 110 -9.96 -15.51 12.18
C ALA A 110 -11.17 -15.42 11.28
N LEU A 111 -10.95 -15.32 9.97
CA LEU A 111 -12.11 -15.28 9.08
C LEU A 111 -12.94 -16.55 9.23
N SER A 112 -12.27 -17.70 9.33
CA SER A 112 -12.98 -18.96 9.54
C SER A 112 -13.97 -18.88 10.69
N ALA A 113 -13.61 -18.21 11.78
CA ALA A 113 -14.46 -18.11 12.95
C ALA A 113 -15.46 -16.97 12.85
N GLY A 114 -15.67 -16.43 11.65
CA GLY A 114 -16.64 -15.37 11.48
C GLY A 114 -16.08 -13.98 11.62
N ALA A 115 -14.76 -13.83 11.65
CA ALA A 115 -14.18 -12.52 11.74
C ALA A 115 -14.52 -11.72 10.49
N ASP A 116 -14.67 -10.41 10.67
CA ASP A 116 -14.93 -9.48 9.58
C ASP A 116 -13.65 -9.04 8.89
N VAL A 117 -13.73 -8.91 7.57
CA VAL A 117 -12.61 -8.42 6.78
C VAL A 117 -12.12 -7.08 7.30
N SER A 118 -13.03 -6.25 7.79
CA SER A 118 -12.66 -4.96 8.33
C SER A 118 -11.62 -5.08 9.44
N MET A 119 -11.39 -6.25 9.99
CA MET A 119 -10.44 -6.39 11.09
C MET A 119 -9.04 -6.81 10.64
N ILE A 120 -8.81 -6.86 9.33
CA ILE A 120 -7.54 -7.34 8.77
C ILE A 120 -6.35 -6.60 9.37
N GLY A 121 -6.52 -5.32 9.69
CA GLY A 121 -5.42 -4.52 10.21
C GLY A 121 -4.95 -4.91 11.60
N GLN A 122 -5.80 -5.60 12.36
CA GLN A 122 -5.35 -6.11 13.65
C GLN A 122 -4.26 -7.16 13.50
N PHE A 123 -4.18 -7.81 12.34
CA PHE A 123 -3.23 -8.89 12.11
C PHE A 123 -2.07 -8.47 11.23
N GLY A 124 -1.89 -7.17 11.04
CA GLY A 124 -0.73 -6.63 10.34
C GLY A 124 -0.67 -6.89 8.85
N VAL A 125 -1.76 -7.38 8.24
CA VAL A 125 -1.70 -7.75 6.83
C VAL A 125 -2.69 -6.89 6.02
N GLY A 126 -2.94 -5.67 6.53
CA GLY A 126 -3.85 -4.77 5.85
C GLY A 126 -3.52 -4.49 4.39
N PHE A 127 -2.25 -4.62 4.01
CA PHE A 127 -1.91 -4.41 2.60
C PHE A 127 -2.84 -5.16 1.67
N TYR A 128 -3.23 -6.38 2.05
CA TYR A 128 -3.90 -7.25 1.10
C TYR A 128 -5.36 -6.87 0.88
N SER A 129 -5.92 -6.02 1.75
CA SER A 129 -7.28 -5.54 1.50
C SER A 129 -7.40 -4.79 0.19
N LEU A 130 -6.28 -4.36 -0.40
CA LEU A 130 -6.34 -3.68 -1.69
C LEU A 130 -6.95 -4.58 -2.75
N PHE A 131 -6.81 -5.89 -2.59
CA PHE A 131 -7.39 -6.75 -3.61
C PHE A 131 -8.91 -6.78 -3.57
N LEU A 132 -9.52 -6.14 -2.57
CA LEU A 132 -10.97 -5.93 -2.63
C LEU A 132 -11.37 -5.13 -3.86
N VAL A 133 -10.50 -4.20 -4.27
CA VAL A 133 -10.83 -3.23 -5.31
C VAL A 133 -9.87 -3.25 -6.47
N ALA A 134 -8.76 -3.97 -6.39
CA ALA A 134 -7.76 -3.99 -7.44
C ALA A 134 -7.36 -5.43 -7.73
N ASP A 135 -6.93 -5.67 -8.98
CA ASP A 135 -6.50 -7.00 -9.40
C ASP A 135 -5.01 -7.09 -9.69
N HIS A 136 -4.25 -5.98 -9.59
CA HIS A 136 -2.80 -5.93 -9.79
C HIS A 136 -2.28 -4.76 -8.96
N VAL A 137 -1.05 -4.86 -8.47
CA VAL A 137 -0.42 -3.80 -7.68
C VAL A 137 1.06 -3.75 -7.98
N GLN A 138 1.57 -2.54 -8.08
CA GLN A 138 3.00 -2.24 -7.99
C GLN A 138 3.25 -1.53 -6.68
N VAL A 139 4.30 -1.97 -6.01
CA VAL A 139 4.82 -1.30 -4.83
C VAL A 139 6.19 -0.73 -5.16
N ILE A 140 6.29 0.60 -5.20
CA ILE A 140 7.57 1.29 -5.41
C ILE A 140 8.04 1.73 -4.05
N SER A 141 9.31 1.42 -3.71
CA SER A 141 9.74 1.75 -2.36
C SER A 141 11.24 2.06 -2.33
N LYS A 142 11.60 2.90 -1.36
CA LYS A 142 12.97 3.39 -1.18
C LYS A 142 13.18 3.59 0.31
N HIS A 143 14.10 2.81 0.85
CA HIS A 143 14.51 2.85 2.24
C HIS A 143 15.89 3.51 2.36
N ASN A 144 16.14 4.23 3.44
CA ASN A 144 17.48 4.82 3.60
C ASN A 144 18.55 3.74 3.54
N ASP A 145 19.63 4.06 2.83
CA ASP A 145 20.83 3.27 2.67
C ASP A 145 20.62 2.08 1.74
N ASP A 146 19.46 1.91 1.09
CA ASP A 146 19.21 0.87 0.08
C ASP A 146 18.74 1.54 -1.22
N GLU A 147 18.47 0.73 -2.25
CA GLU A 147 18.06 1.28 -3.52
C GLU A 147 16.55 1.36 -3.62
N GLN A 148 16.07 2.00 -4.67
CA GLN A 148 14.64 2.04 -4.98
C GLN A 148 14.28 0.82 -5.83
N TYR A 149 13.20 0.17 -5.45
CA TYR A 149 12.71 -1.06 -6.07
C TYR A 149 11.23 -0.97 -6.41
N VAL A 150 10.83 -1.79 -7.39
CA VAL A 150 9.44 -2.08 -7.71
C VAL A 150 9.16 -3.54 -7.40
N TRP A 151 8.22 -3.77 -6.49
CA TRP A 151 7.60 -5.08 -6.22
C TRP A 151 6.28 -5.09 -6.98
N GLU A 152 6.00 -6.19 -7.71
CA GLU A 152 4.83 -6.22 -8.58
C GLU A 152 4.14 -7.58 -8.52
N SER A 153 2.80 -7.57 -8.65
CA SER A 153 2.04 -8.80 -8.43
C SER A 153 0.64 -8.71 -9.03
N ASN A 154 0.18 -9.86 -9.54
CA ASN A 154 -1.25 -10.18 -9.64
C ASN A 154 -1.65 -10.89 -8.34
N ALA A 155 -2.84 -11.45 -8.29
CA ALA A 155 -3.40 -11.98 -7.03
C ALA A 155 -3.10 -13.47 -6.97
N GLY A 156 -2.03 -13.82 -6.27
CA GLY A 156 -1.66 -15.20 -6.14
C GLY A 156 -0.57 -15.61 -7.11
N GLY A 157 0.26 -16.55 -6.68
CA GLY A 157 1.26 -17.14 -7.54
C GLY A 157 2.64 -16.57 -7.27
N LYS A 158 3.10 -15.72 -8.19
CA LYS A 158 4.43 -15.16 -8.13
C LYS A 158 4.34 -13.63 -7.98
N PHE A 159 5.36 -13.07 -7.31
CA PHE A 159 5.62 -11.64 -7.32
C PHE A 159 7.06 -11.43 -7.76
N THR A 160 7.34 -10.25 -8.30
CA THR A 160 8.68 -9.88 -8.76
C THR A 160 9.23 -8.68 -8.00
N VAL A 161 10.54 -8.66 -7.78
CA VAL A 161 11.23 -7.50 -7.24
C VAL A 161 12.25 -7.04 -8.26
N THR A 162 12.21 -5.77 -8.63
CA THR A 162 13.11 -5.22 -9.64
C THR A 162 13.78 -3.93 -9.21
N LEU A 163 15.09 -3.86 -9.41
CA LEU A 163 15.81 -2.60 -9.19
C LEU A 163 15.20 -1.51 -10.06
N ASP A 164 14.84 -0.38 -9.45
CA ASP A 164 14.09 0.69 -10.11
C ASP A 164 15.07 1.81 -10.49
N GLU A 165 15.40 1.88 -11.78
CA GLU A 165 16.27 2.92 -12.34
C GLU A 165 15.54 3.75 -13.39
N THR A 166 14.22 3.62 -13.42
CA THR A 166 13.30 4.15 -14.43
C THR A 166 12.35 5.21 -13.87
N ASN A 167 11.75 4.96 -12.71
CA ASN A 167 10.68 5.81 -12.21
C ASN A 167 11.25 7.06 -11.54
N GLU A 168 10.38 8.06 -11.34
CA GLU A 168 10.69 9.16 -10.44
C GLU A 168 11.26 8.64 -9.14
N ARG A 169 12.22 9.38 -8.61
CA ARG A 169 12.83 9.07 -7.34
C ARG A 169 11.89 9.44 -6.22
N LEU A 170 11.66 8.51 -5.30
CA LEU A 170 10.86 8.77 -4.13
C LEU A 170 11.58 9.61 -3.09
N GLY A 171 12.91 9.61 -3.11
CA GLY A 171 13.67 10.14 -2.00
C GLY A 171 13.67 9.16 -0.85
N ARG A 172 12.50 8.93 -0.28
CA ARG A 172 12.34 7.94 0.78
C ARG A 172 10.83 7.68 0.87
N GLY A 173 10.45 6.42 1.06
CA GLY A 173 9.07 6.06 1.34
C GLY A 173 8.54 5.09 0.31
N THR A 174 7.23 5.11 0.09
CA THR A 174 6.58 4.03 -0.63
C THR A 174 5.46 4.60 -1.49
N MET A 175 5.31 4.08 -2.72
CA MET A 175 4.13 4.38 -3.52
C MET A 175 3.49 3.07 -3.98
N LEU A 176 2.24 2.88 -3.59
CA LEU A 176 1.44 1.79 -4.12
C LEU A 176 0.72 2.29 -5.36
N ARG A 177 0.68 1.46 -6.40
CA ARG A 177 -0.12 1.69 -7.61
C ARG A 177 -1.14 0.57 -7.74
N LEU A 178 -2.41 0.89 -7.43
CA LEU A 178 -3.50 -0.08 -7.48
C LEU A 178 -4.15 -0.02 -8.86
N PHE A 179 -4.14 -1.16 -9.56
CA PHE A 179 -4.80 -1.26 -10.87
C PHE A 179 -6.25 -1.66 -10.57
N LEU A 180 -7.16 -0.69 -10.62
CA LEU A 180 -8.51 -0.91 -10.10
C LEU A 180 -9.29 -1.87 -10.98
N LYS A 181 -10.11 -2.66 -10.32
CA LYS A 181 -11.10 -3.48 -11.00
C LYS A 181 -12.10 -2.59 -11.71
N GLU A 182 -12.69 -3.13 -12.77
CA GLU A 182 -13.59 -2.37 -13.60
C GLU A 182 -14.88 -1.97 -12.86
N ASP A 183 -15.24 -2.69 -11.81
CA ASP A 183 -16.41 -2.37 -11.00
C ASP A 183 -16.09 -1.47 -9.80
N GLN A 184 -14.86 -0.96 -9.69
CA GLN A 184 -14.50 -0.15 -8.52
C GLN A 184 -13.81 1.15 -8.93
N LEU A 185 -14.13 1.64 -10.13
CA LEU A 185 -13.53 2.85 -10.66
C LEU A 185 -14.00 4.10 -9.94
N GLU A 186 -15.03 4.00 -9.08
CA GLU A 186 -15.44 5.15 -8.29
C GLU A 186 -14.32 5.65 -7.40
N TYR A 187 -13.33 4.79 -7.05
CA TYR A 187 -12.21 5.24 -6.23
C TYR A 187 -11.18 6.05 -7.04
N LEU A 188 -11.49 6.40 -8.29
CA LEU A 188 -10.80 7.45 -9.04
C LEU A 188 -11.49 8.82 -8.91
N GLU A 189 -12.63 8.89 -8.24
CA GLU A 189 -13.40 10.13 -8.16
C GLU A 189 -12.97 10.92 -6.94
N GLU A 190 -12.70 12.20 -7.18
CA GLU A 190 -12.26 13.08 -6.11
C GLU A 190 -13.20 13.04 -4.91
N LYS A 191 -14.51 13.14 -5.12
CA LYS A 191 -15.44 13.29 -3.99
C LYS A 191 -15.57 12.00 -3.21
N ARG A 192 -15.53 10.87 -3.91
CA ARG A 192 -15.52 9.57 -3.25
C ARG A 192 -14.28 9.40 -2.39
N ILE A 193 -13.09 9.71 -2.94
CA ILE A 193 -11.87 9.59 -2.15
C ILE A 193 -11.96 10.47 -0.91
N LYS A 194 -12.31 11.75 -1.09
CA LYS A 194 -12.40 12.67 0.03
C LYS A 194 -13.30 12.14 1.15
N GLU A 195 -14.51 11.69 0.80
CA GLU A 195 -15.44 11.29 1.85
C GLU A 195 -15.01 9.98 2.51
N VAL A 196 -14.29 9.09 1.79
CA VAL A 196 -13.82 7.87 2.43
C VAL A 196 -12.65 8.18 3.37
N VAL A 197 -11.77 9.11 2.99
CA VAL A 197 -10.71 9.59 3.87
C VAL A 197 -11.30 10.21 5.14
N LYS A 198 -12.25 11.14 4.97
CA LYS A 198 -12.87 11.81 6.12
C LYS A 198 -13.64 10.86 7.02
N LYS A 199 -14.27 9.84 6.46
CA LYS A 199 -15.05 8.90 7.26
C LYS A 199 -14.17 7.96 8.09
N HIS A 200 -13.05 7.49 7.53
CA HIS A 200 -12.28 6.41 8.15
C HIS A 200 -10.90 6.82 8.61
N SER A 201 -10.39 7.95 8.14
CA SER A 201 -9.01 8.34 8.38
C SER A 201 -8.97 9.74 8.95
N GLU A 202 -10.03 10.12 9.65
CA GLU A 202 -10.19 11.50 10.12
C GLU A 202 -9.08 11.91 11.09
N PHE A 203 -8.56 10.98 11.87
CA PHE A 203 -7.63 11.31 12.93
C PHE A 203 -6.19 10.90 12.62
N VAL A 204 -5.86 10.67 11.35
CA VAL A 204 -4.48 10.40 10.98
C VAL A 204 -3.62 11.63 11.31
N ALA A 205 -2.50 11.40 11.98
CA ALA A 205 -1.68 12.50 12.46
C ALA A 205 -0.73 13.08 11.40
N TYR A 206 -0.94 12.83 10.11
CA TYR A 206 -0.13 13.43 9.06
C TYR A 206 -1.07 14.01 8.01
N PRO A 207 -0.64 15.06 7.28
CA PRO A 207 -1.50 15.62 6.22
C PRO A 207 -1.69 14.60 5.09
N ILE A 208 -2.90 14.56 4.57
CA ILE A 208 -3.26 13.68 3.47
C ILE A 208 -3.60 14.56 2.29
N GLN A 209 -2.78 14.45 1.25
CA GLN A 209 -2.92 15.26 0.05
C GLN A 209 -3.63 14.43 -1.01
N LEU A 210 -4.44 15.09 -1.80
CA LEU A 210 -5.14 14.44 -2.88
C LEU A 210 -4.88 15.24 -4.15
N VAL A 211 -4.42 14.55 -5.19
CA VAL A 211 -4.05 15.20 -6.42
C VAL A 211 -5.20 15.02 -7.40
N VAL A 212 -5.67 16.14 -7.94
CA VAL A 212 -6.72 16.20 -8.95
C VAL A 212 -6.07 16.70 -10.22
N THR A 213 -6.25 15.97 -11.32
CA THR A 213 -5.48 16.22 -12.53
C THR A 213 -6.42 16.67 -13.63
N LYS A 214 -6.19 17.86 -14.14
CA LYS A 214 -6.83 18.32 -15.37
C LYS A 214 -6.00 17.78 -16.51
N GLU A 215 -6.55 16.83 -17.25
CA GLU A 215 -5.80 16.20 -18.32
C GLU A 215 -5.91 17.03 -19.60
N VAL A 216 -4.92 16.86 -20.48
CA VAL A 216 -4.80 17.72 -21.65
C VAL A 216 -5.97 17.51 -22.59
N GLU A 217 -6.59 18.61 -23.02
CA GLU A 217 -7.65 18.59 -24.04
C GLU A 217 -7.11 18.22 -25.42
#